data_7R9U
#
_entry.id   7R9U
#
_entity_poly.entity_id   1
_entity_poly.type   'polypeptide(L)'
_entity_poly.pdbx_seq_one_letter_code
;RDAQRMNILAGRIIAETVRSTLGPKGMDKMLVDDLGDVVVTNDGVTILREMSVEHPAAKMLIEVAKTQEKEVGDGTTTAV
VVAGELLRKAEELLDQNVHPTIVVKGYQAAAQKAQELLKTIACEVGAQDKEILTKIAMTSITGKGAEKAKEKLAEIIVEA
VSAVVDDEGKVDKDLIKIEKKSGASIDDTELIKGVLVDKERVSAQMPKKVTDAKIALLNCAIEIKETETDAEIRITDPAK
LMEFIEQEEKMLKDMVAEIKASGANVLFCQKGIDDLAQHYLAKEGIVAARRVKKSDMEKLAKATGANVITNIKDLSAQDL
GDAGLVEERKISGDSMIFVEECKHPKAVTMLIRGTTEHVIEEVARAVDDAVGVVGCTIEDGRIVSGGGSTEVELSMKLRE
YAEGISGREQLAVRAFADALEVIPRTLAENAGLDAIEILVKVRAAHASNGNKCAGLNVFTGAVEDMCENGVVEPLRVKTQ
AIQSAAESTEMLLRIDDVIAAEKLR
;
_entity_poly.pdbx_strand_id   J
#
# COMPACT_ATOMS: atom_id res chain seq x y z
N ARG A 1 -19.27 22.45 34.08
CA ARG A 1 -17.83 22.19 34.35
C ARG A 1 -16.98 22.59 33.15
N ASP A 2 -15.66 22.66 33.35
CA ASP A 2 -14.76 23.03 32.27
C ASP A 2 -14.75 21.97 31.17
N ALA A 3 -15.00 20.71 31.52
CA ALA A 3 -15.01 19.62 30.54
C ALA A 3 -13.68 19.50 29.80
N GLN A 4 -12.59 19.85 30.48
CA GLN A 4 -11.27 19.76 29.85
C GLN A 4 -10.73 18.33 29.86
N ARG A 5 -11.09 17.53 30.86
CA ARG A 5 -10.61 16.15 30.92
C ARG A 5 -11.31 15.27 29.90
N MET A 6 -12.54 15.61 29.51
CA MET A 6 -13.27 14.80 28.55
C MET A 6 -12.56 14.74 27.20
N ASN A 7 -11.72 15.73 26.88
CA ASN A 7 -11.01 15.74 25.61
C ASN A 7 -9.84 14.76 25.62
N ILE A 8 -8.99 14.83 26.65
CA ILE A 8 -7.84 13.94 26.72
C ILE A 8 -8.30 12.50 26.92
N LEU A 9 -9.41 12.29 27.62
CA LEU A 9 -9.92 10.94 27.85
C LEU A 9 -10.62 10.36 26.64
N ALA A 10 -11.11 11.21 25.73
CA ALA A 10 -11.79 10.71 24.54
C ALA A 10 -10.82 9.96 23.62
N GLY A 11 -9.57 10.43 23.55
CA GLY A 11 -8.59 9.77 22.70
C GLY A 11 -8.07 8.47 23.28
N ARG A 12 -8.04 8.36 24.61
CA ARG A 12 -7.55 7.13 25.24
C ARG A 12 -8.46 5.96 24.93
N ILE A 13 -9.78 6.20 24.88
CA ILE A 13 -10.71 5.12 24.60
C ILE A 13 -10.49 4.56 23.19
N ILE A 14 -10.04 5.41 22.27
CA ILE A 14 -9.80 4.95 20.90
C ILE A 14 -8.47 4.21 20.81
N ALA A 15 -7.54 4.47 21.73
CA ALA A 15 -6.25 3.80 21.69
C ALA A 15 -6.32 2.39 22.25
N GLU A 16 -7.21 2.15 23.22
CA GLU A 16 -7.31 0.82 23.82
C GLU A 16 -7.77 -0.21 22.78
N THR A 17 -8.65 0.20 21.87
CA THR A 17 -9.13 -0.73 20.84
C THR A 17 -8.01 -1.12 19.88
N VAL A 18 -7.08 -0.20 19.59
CA VAL A 18 -5.99 -0.48 18.68
C VAL A 18 -4.74 -0.99 19.40
N ARG A 19 -4.58 -0.69 20.69
CA ARG A 19 -3.40 -1.15 21.42
C ARG A 19 -3.32 -2.67 21.45
N SER A 20 -4.47 -3.35 21.49
CA SER A 20 -4.49 -4.81 21.53
C SER A 20 -4.18 -5.43 20.17
N THR A 21 -4.32 -4.67 19.09
CA THR A 21 -4.06 -5.17 17.75
C THR A 21 -2.61 -5.00 17.32
N LEU A 22 -1.77 -4.36 18.13
CA LEU A 22 -0.38 -4.12 17.78
C LEU A 22 0.44 -5.35 18.17
N GLY A 23 0.99 -6.03 17.18
CA GLY A 23 1.83 -7.19 17.41
C GLY A 23 1.59 -8.27 16.38
N PRO A 24 2.53 -9.22 16.27
CA PRO A 24 2.34 -10.31 15.29
C PRO A 24 1.07 -11.11 15.53
N LYS A 25 0.93 -11.70 16.72
CA LYS A 25 -0.23 -12.52 17.03
C LYS A 25 -1.20 -11.74 17.92
N GLY A 26 -1.58 -10.54 17.49
CA GLY A 26 -2.49 -9.71 18.25
C GLY A 26 -3.92 -9.92 17.81
N MET A 27 -4.81 -10.09 18.79
CA MET A 27 -6.22 -10.30 18.50
C MET A 27 -6.85 -9.02 17.99
N ASP A 28 -8.08 -9.14 17.49
CA ASP A 28 -8.85 -8.02 16.95
C ASP A 28 -10.26 -8.06 17.50
N LYS A 29 -10.96 -6.94 17.34
CA LYS A 29 -12.34 -6.80 17.76
C LYS A 29 -13.24 -6.62 16.54
N MET A 30 -14.55 -6.58 16.79
CA MET A 30 -15.54 -6.43 15.73
C MET A 30 -16.67 -5.54 16.26
N LEU A 31 -16.63 -4.26 15.89
CA LEU A 31 -17.66 -3.31 16.29
C LEU A 31 -18.60 -3.08 15.11
N VAL A 32 -19.31 -4.14 14.73
CA VAL A 32 -20.21 -4.08 13.60
C VAL A 32 -21.36 -3.13 13.91
N ASP A 33 -21.85 -2.45 12.88
CA ASP A 33 -22.95 -1.51 13.02
C ASP A 33 -24.25 -2.29 13.17
N ASP A 34 -25.38 -1.59 13.02
CA ASP A 34 -26.70 -2.21 13.14
C ASP A 34 -27.14 -2.92 11.87
N LEU A 35 -26.26 -3.04 10.87
CA LEU A 35 -26.63 -3.71 9.62
C LEU A 35 -26.58 -5.22 9.78
N GLY A 36 -25.39 -5.77 10.00
CA GLY A 36 -25.24 -7.21 10.18
C GLY A 36 -23.99 -7.75 9.51
N ASP A 37 -23.41 -6.98 8.60
CA ASP A 37 -22.20 -7.41 7.90
C ASP A 37 -21.06 -7.64 8.88
N VAL A 38 -20.63 -8.88 9.02
CA VAL A 38 -19.53 -9.24 9.91
C VAL A 38 -18.22 -9.26 9.13
N VAL A 39 -17.16 -8.75 9.75
CA VAL A 39 -15.85 -8.71 9.12
C VAL A 39 -14.79 -8.42 10.17
N VAL A 40 -13.60 -8.97 10.00
CA VAL A 40 -12.49 -8.78 10.92
C VAL A 40 -11.21 -8.60 10.11
N THR A 41 -10.36 -7.68 10.56
CA THR A 41 -9.10 -7.41 9.88
C THR A 41 -8.08 -6.95 10.91
N ASN A 42 -6.84 -7.41 10.73
CA ASN A 42 -5.75 -7.04 11.63
C ASN A 42 -5.00 -5.83 11.07
N ASP A 43 -5.70 -4.70 11.10
CA ASP A 43 -5.15 -3.43 10.61
C ASP A 43 -5.80 -2.29 11.36
N GLY A 44 -4.98 -1.30 11.74
CA GLY A 44 -5.49 -0.16 12.48
C GLY A 44 -6.19 0.87 11.62
N VAL A 45 -5.93 0.88 10.32
CA VAL A 45 -6.59 1.84 9.43
C VAL A 45 -7.97 1.38 8.99
N THR A 46 -8.21 0.06 8.95
CA THR A 46 -9.50 -0.44 8.51
C THR A 46 -10.59 -0.17 9.55
N ILE A 47 -10.23 -0.16 10.83
CA ILE A 47 -11.23 0.04 11.88
C ILE A 47 -11.55 1.53 12.07
N LEU A 48 -10.57 2.42 11.90
CA LEU A 48 -10.83 3.84 12.08
C LEU A 48 -11.80 4.36 11.03
N ARG A 49 -11.67 3.90 9.80
CA ARG A 49 -12.57 4.35 8.74
C ARG A 49 -14.01 3.92 9.01
N GLU A 50 -14.20 2.79 9.68
CA GLU A 50 -15.53 2.29 10.01
C GLU A 50 -15.97 2.66 11.41
N MET A 51 -15.04 2.84 12.34
CA MET A 51 -15.41 3.20 13.71
C MET A 51 -16.06 4.58 13.74
N SER A 52 -17.10 4.70 14.55
CA SER A 52 -17.84 5.95 14.71
C SER A 52 -17.34 6.70 15.93
N VAL A 53 -17.49 8.03 15.88
CA VAL A 53 -17.09 8.91 16.97
C VAL A 53 -18.30 9.70 17.43
N GLU A 54 -18.39 9.93 18.74
CA GLU A 54 -19.51 10.67 19.33
C GLU A 54 -19.18 12.14 19.59
N HIS A 55 -17.93 12.45 19.99
CA HIS A 55 -17.55 13.83 20.23
C HIS A 55 -16.91 14.43 18.98
N PRO A 56 -17.04 15.75 18.78
CA PRO A 56 -16.43 16.37 17.60
C PRO A 56 -14.92 16.53 17.70
N ALA A 57 -14.35 16.51 18.90
CA ALA A 57 -12.92 16.67 19.07
C ALA A 57 -12.14 15.38 18.83
N ALA A 58 -12.80 14.30 18.41
CA ALA A 58 -12.15 13.03 18.15
C ALA A 58 -11.99 12.76 16.65
N LYS A 59 -11.73 13.81 15.86
CA LYS A 59 -11.58 13.68 14.42
C LYS A 59 -10.22 14.12 13.92
N MET A 60 -9.57 15.09 14.56
CA MET A 60 -8.27 15.54 14.10
C MET A 60 -7.24 14.42 14.17
N LEU A 61 -7.38 13.51 15.14
CA LEU A 61 -6.44 12.39 15.25
C LEU A 61 -6.61 11.39 14.10
N ILE A 62 -7.82 11.29 13.55
CA ILE A 62 -8.05 10.37 12.44
C ILE A 62 -7.55 10.96 11.13
N GLU A 63 -7.74 12.28 10.95
CA GLU A 63 -7.29 12.92 9.72
C GLU A 63 -5.77 12.85 9.59
N VAL A 64 -5.06 13.18 10.67
CA VAL A 64 -3.60 13.13 10.62
C VAL A 64 -3.11 11.70 10.45
N ALA A 65 -3.87 10.73 10.95
CA ALA A 65 -3.46 9.33 10.81
C ALA A 65 -3.46 8.89 9.35
N LYS A 66 -4.40 9.40 8.55
CA LYS A 66 -4.47 9.03 7.14
C LYS A 66 -3.33 9.60 6.32
N THR A 67 -2.62 10.60 6.84
CA THR A 67 -1.51 11.19 6.10
C THR A 67 -0.37 10.19 5.92
N GLN A 68 -0.02 9.48 6.99
CA GLN A 68 1.05 8.49 6.89
C GLN A 68 0.62 7.23 6.14
N GLU A 69 -0.68 6.98 6.04
CA GLU A 69 -1.14 5.80 5.32
C GLU A 69 -0.81 5.88 3.83
N LYS A 70 -0.81 7.09 3.26
CA LYS A 70 -0.51 7.29 1.85
C LYS A 70 0.96 7.67 1.63
N GLU A 71 1.85 7.20 2.50
CA GLU A 71 3.27 7.49 2.37
C GLU A 71 4.10 6.26 2.69
N VAL A 72 3.82 5.61 3.82
CA VAL A 72 4.54 4.42 4.23
C VAL A 72 3.54 3.29 4.44
N GLY A 73 2.34 3.62 4.89
CA GLY A 73 1.31 2.63 5.12
C GLY A 73 1.36 2.03 6.52
N ASP A 74 2.39 1.26 6.79
CA ASP A 74 2.57 0.65 8.10
C ASP A 74 3.22 1.61 9.07
N GLY A 75 2.87 1.48 10.34
CA GLY A 75 3.41 2.33 11.40
C GLY A 75 2.43 3.35 11.94
N THR A 76 1.17 3.33 11.48
CA THR A 76 0.21 4.31 11.99
C THR A 76 -0.28 3.95 13.39
N THR A 77 -0.35 2.66 13.71
CA THR A 77 -0.81 2.24 15.04
C THR A 77 0.20 2.62 16.12
N THR A 78 1.50 2.63 15.79
CA THR A 78 2.51 2.97 16.77
C THR A 78 2.44 4.44 17.18
N ALA A 79 1.82 5.29 16.37
CA ALA A 79 1.71 6.71 16.69
C ALA A 79 0.48 7.02 17.54
N VAL A 80 -0.63 6.33 17.30
CA VAL A 80 -1.84 6.59 18.08
C VAL A 80 -1.78 5.90 19.43
N VAL A 81 -1.08 4.77 19.52
CA VAL A 81 -1.00 4.06 20.80
C VAL A 81 -0.04 4.78 21.75
N VAL A 82 0.99 5.43 21.22
CA VAL A 82 1.94 6.13 22.08
C VAL A 82 1.39 7.50 22.48
N ALA A 83 0.60 8.14 21.61
CA ALA A 83 0.05 9.44 21.95
C ALA A 83 -0.87 9.38 23.16
N GLY A 84 -1.58 8.27 23.33
CA GLY A 84 -2.46 8.14 24.48
C GLY A 84 -1.71 8.13 25.80
N GLU A 85 -0.45 7.70 25.79
CA GLU A 85 0.34 7.67 27.02
C GLU A 85 0.70 9.08 27.47
N LEU A 86 0.98 9.98 26.52
CA LEU A 86 1.28 11.36 26.89
C LEU A 86 0.09 12.04 27.55
N LEU A 87 -1.13 11.66 27.13
CA LEU A 87 -2.31 12.24 27.75
C LEU A 87 -2.51 11.71 29.17
N ARG A 88 -2.21 10.42 29.38
CA ARG A 88 -2.34 9.85 30.72
C ARG A 88 -1.33 10.47 31.68
N LYS A 89 -0.07 10.61 31.25
CA LYS A 89 0.93 11.23 32.10
C LYS A 89 0.63 12.71 32.32
N ALA A 90 -0.06 13.36 31.36
CA ALA A 90 -0.39 14.76 31.53
C ALA A 90 -1.32 14.99 32.70
N GLU A 91 -2.18 14.02 33.00
CA GLU A 91 -3.09 14.17 34.14
C GLU A 91 -2.32 14.33 35.44
N GLU A 92 -1.21 13.61 35.58
CA GLU A 92 -0.40 13.74 36.79
C GLU A 92 0.28 15.10 36.87
N LEU A 93 0.56 15.73 35.73
CA LEU A 93 1.20 17.03 35.73
C LEU A 93 0.22 18.13 36.14
N LEU A 94 -1.04 18.03 35.69
CA LEU A 94 -2.03 19.03 36.07
C LEU A 94 -2.27 19.03 37.56
N ASP A 95 -2.10 17.90 38.23
CA ASP A 95 -2.28 17.85 39.68
C ASP A 95 -1.28 18.75 40.39
N GLN A 96 -0.06 18.85 39.87
CA GLN A 96 0.98 19.68 40.47
C GLN A 96 0.90 21.14 40.03
N ASN A 97 -0.25 21.59 39.55
CA ASN A 97 -0.43 22.97 39.12
C ASN A 97 0.55 23.34 38.00
N VAL A 98 0.48 22.57 36.91
CA VAL A 98 1.33 22.77 35.74
C VAL A 98 0.43 23.11 34.56
N HIS A 99 0.74 24.23 33.90
CA HIS A 99 -0.06 24.67 32.77
C HIS A 99 0.30 23.84 31.53
N PRO A 100 -0.69 23.55 30.67
CA PRO A 100 -0.38 22.74 29.48
C PRO A 100 0.70 23.34 28.61
N THR A 101 0.90 24.66 28.63
CA THR A 101 1.93 25.26 27.81
C THR A 101 3.31 24.73 28.17
N ILE A 102 3.56 24.48 29.46
CA ILE A 102 4.85 23.97 29.87
C ILE A 102 5.03 22.53 29.39
N VAL A 103 3.94 21.79 29.23
CA VAL A 103 4.04 20.41 28.76
C VAL A 103 4.26 20.36 27.26
N VAL A 104 3.67 21.29 26.52
CA VAL A 104 3.83 21.31 25.07
C VAL A 104 5.26 21.68 24.70
N LYS A 105 5.89 22.56 25.48
CA LYS A 105 7.26 22.97 25.18
C LYS A 105 8.24 21.80 25.35
N GLY A 106 7.92 20.84 26.22
CA GLY A 106 8.80 19.71 26.41
C GLY A 106 8.76 18.73 25.26
N TYR A 107 7.57 18.50 24.70
CA TYR A 107 7.46 17.57 23.59
C TYR A 107 8.14 18.10 22.33
N GLN A 108 7.99 19.40 22.06
CA GLN A 108 8.62 19.99 20.89
C GLN A 108 10.13 19.95 21.00
N ALA A 109 10.66 20.16 22.21
CA ALA A 109 12.11 20.13 22.41
C ALA A 109 12.63 18.70 22.40
N ALA A 110 11.85 17.76 22.95
CA ALA A 110 12.28 16.37 22.99
C ALA A 110 12.12 15.71 21.62
N ALA A 111 11.12 16.11 20.85
CA ALA A 111 10.91 15.52 19.53
C ALA A 111 12.06 15.89 18.59
N GLN A 112 12.45 17.18 18.58
CA GLN A 112 13.55 17.60 17.71
C GLN A 112 14.88 17.01 18.17
N LYS A 113 15.04 16.80 19.48
CA LYS A 113 16.29 16.23 19.98
C LYS A 113 16.47 14.79 19.52
N ALA A 114 15.38 14.05 19.37
CA ALA A 114 15.45 12.65 18.94
C ALA A 114 15.75 12.51 17.45
N GLN A 115 15.72 13.61 16.69
CA GLN A 115 16.00 13.52 15.27
C GLN A 115 17.47 13.20 15.01
N GLU A 116 18.37 14.00 15.59
CA GLU A 116 19.80 13.77 15.38
C GLU A 116 20.28 12.46 16.00
N LEU A 117 19.52 11.89 16.94
CA LEU A 117 19.94 10.62 17.54
C LEU A 117 19.73 9.46 16.58
N LEU A 118 18.59 9.43 15.89
CA LEU A 118 18.32 8.34 14.96
C LEU A 118 19.27 8.37 13.76
N LYS A 119 19.73 9.56 13.37
CA LYS A 119 20.64 9.65 12.23
C LYS A 119 21.98 9.01 12.52
N THR A 120 22.43 9.06 13.78
CA THR A 120 23.72 8.47 14.13
C THR A 120 23.63 6.97 14.36
N ILE A 121 22.47 6.47 14.81
CA ILE A 121 22.33 5.04 15.05
C ILE A 121 22.14 4.28 13.74
N ALA A 122 21.56 4.93 12.73
CA ALA A 122 21.33 4.26 11.46
C ALA A 122 22.65 3.95 10.77
N CYS A 123 22.73 2.75 10.19
CA CYS A 123 23.93 2.31 9.50
C CYS A 123 23.75 2.50 7.99
N GLU A 124 24.80 2.18 7.24
CA GLU A 124 24.80 2.30 5.79
C GLU A 124 24.72 0.93 5.14
N VAL A 125 24.06 0.87 3.99
CA VAL A 125 23.88 -0.36 3.23
C VAL A 125 24.05 -0.05 1.75
N GLY A 126 24.21 -1.11 0.95
CA GLY A 126 24.38 -0.95 -0.47
C GLY A 126 23.06 -0.83 -1.21
N ALA A 127 23.16 -0.35 -2.45
CA ALA A 127 22.00 -0.16 -3.31
C ALA A 127 21.72 -1.36 -4.20
N GLN A 128 22.49 -2.44 -4.07
CA GLN A 128 22.28 -3.64 -4.88
C GLN A 128 22.44 -4.94 -4.11
N ASP A 129 22.96 -4.92 -2.88
CA ASP A 129 23.12 -6.15 -2.10
C ASP A 129 21.76 -6.78 -1.82
N LYS A 130 21.40 -7.78 -2.63
CA LYS A 130 20.10 -8.43 -2.46
C LYS A 130 19.95 -9.04 -1.08
N GLU A 131 21.05 -9.47 -0.46
CA GLU A 131 20.97 -10.08 0.87
C GLU A 131 20.37 -9.11 1.88
N ILE A 132 20.57 -7.81 1.69
CA ILE A 132 20.01 -6.83 2.62
C ILE A 132 18.52 -6.61 2.36
N LEU A 133 18.08 -6.74 1.11
CA LEU A 133 16.68 -6.52 0.78
C LEU A 133 15.80 -7.72 1.10
N THR A 134 16.38 -8.86 1.47
CA THR A 134 15.60 -10.04 1.82
C THR A 134 15.09 -10.00 3.26
N LYS A 135 15.94 -9.57 4.19
CA LYS A 135 15.53 -9.51 5.59
C LYS A 135 14.51 -8.41 5.85
N ILE A 136 14.63 -7.27 5.17
CA ILE A 136 13.68 -6.18 5.35
C ILE A 136 12.29 -6.56 4.87
N ALA A 137 12.19 -7.51 3.93
CA ALA A 137 10.88 -7.90 3.41
C ALA A 137 10.14 -8.80 4.38
N MET A 138 10.78 -9.90 4.80
CA MET A 138 10.11 -10.85 5.70
C MET A 138 9.80 -10.24 7.06
N THR A 139 10.51 -9.18 7.46
CA THR A 139 10.25 -8.56 8.75
C THR A 139 8.83 -8.01 8.84
N SER A 140 8.27 -7.58 7.70
CA SER A 140 6.93 -7.03 7.67
C SER A 140 5.88 -8.02 7.17
N ILE A 141 6.29 -9.06 6.44
CA ILE A 141 5.34 -10.03 5.93
C ILE A 141 4.97 -11.06 6.99
N THR A 142 5.96 -11.49 7.79
CA THR A 142 5.68 -12.47 8.83
C THR A 142 4.74 -11.93 9.89
N GLY A 143 4.75 -10.61 10.10
CA GLY A 143 3.86 -10.02 11.09
C GLY A 143 2.41 -9.98 10.67
N LYS A 144 2.14 -10.06 9.36
CA LYS A 144 0.78 -10.03 8.86
C LYS A 144 0.12 -11.41 8.83
N GLY A 145 0.90 -12.49 8.92
CA GLY A 145 0.37 -13.82 8.89
C GLY A 145 0.49 -14.49 7.54
N ALA A 146 1.67 -15.04 7.25
CA ALA A 146 1.91 -15.71 5.99
C ALA A 146 3.06 -16.70 6.11
N GLU A 147 2.94 -17.64 7.06
CA GLU A 147 3.99 -18.63 7.31
C GLU A 147 3.76 -19.87 6.43
N LYS A 148 3.79 -19.64 5.12
CA LYS A 148 3.60 -20.72 4.15
C LYS A 148 4.49 -20.51 2.94
N ALA A 149 4.34 -19.37 2.26
CA ALA A 149 5.12 -19.05 1.07
C ALA A 149 5.76 -17.68 1.23
N LYS A 150 6.64 -17.56 2.22
CA LYS A 150 7.36 -16.32 2.48
C LYS A 150 8.78 -16.33 1.95
N GLU A 151 9.46 -17.49 1.97
CA GLU A 151 10.82 -17.56 1.47
C GLU A 151 10.91 -17.25 -0.02
N LYS A 152 9.81 -17.38 -0.76
CA LYS A 152 9.79 -17.10 -2.19
C LYS A 152 9.08 -15.81 -2.55
N LEU A 153 8.10 -15.38 -1.75
CA LEU A 153 7.39 -14.14 -2.06
C LEU A 153 8.30 -12.93 -1.96
N ALA A 154 9.29 -12.96 -1.05
CA ALA A 154 10.20 -11.84 -0.92
C ALA A 154 11.10 -11.68 -2.13
N GLU A 155 11.41 -12.78 -2.82
CA GLU A 155 12.27 -12.70 -3.99
C GLU A 155 11.51 -12.17 -5.20
N ILE A 156 10.18 -12.27 -5.20
CA ILE A 156 9.40 -11.77 -6.33
C ILE A 156 9.19 -10.27 -6.22
N ILE A 157 9.29 -9.72 -5.01
CA ILE A 157 9.08 -8.28 -4.81
C ILE A 157 10.38 -7.51 -4.95
N VAL A 158 11.48 -8.04 -4.41
CA VAL A 158 12.76 -7.34 -4.48
C VAL A 158 13.24 -7.25 -5.92
N GLU A 159 12.89 -8.23 -6.76
CA GLU A 159 13.30 -8.21 -8.15
C GLU A 159 12.44 -7.28 -9.01
N ALA A 160 11.22 -6.97 -8.57
CA ALA A 160 10.34 -6.07 -9.31
C ALA A 160 10.69 -4.60 -9.06
N VAL A 161 10.92 -4.23 -7.80
CA VAL A 161 11.26 -2.84 -7.50
C VAL A 161 12.66 -2.49 -7.97
N SER A 162 13.54 -3.47 -8.10
CA SER A 162 14.91 -3.21 -8.56
C SER A 162 14.99 -2.99 -10.06
N ALA A 163 14.02 -3.49 -10.82
CA ALA A 163 14.02 -3.33 -12.27
C ALA A 163 13.39 -2.01 -12.72
N VAL A 164 12.63 -1.36 -11.86
CA VAL A 164 11.97 -0.10 -12.20
C VAL A 164 12.73 1.05 -11.56
N VAL A 165 14.05 0.93 -11.47
CA VAL A 165 14.89 1.96 -10.88
C VAL A 165 15.32 2.92 -11.99
N ASP A 166 14.77 4.12 -11.98
CA ASP A 166 15.10 5.11 -12.99
C ASP A 166 16.53 5.60 -12.81
N ASP A 167 16.95 6.51 -13.70
CA ASP A 167 18.32 7.01 -13.64
C ASP A 167 18.58 7.84 -12.38
N GLU A 168 17.56 8.55 -11.90
CA GLU A 168 17.70 9.39 -10.72
C GLU A 168 17.59 8.61 -9.42
N GLY A 169 17.59 7.28 -9.47
CA GLY A 169 17.51 6.46 -8.27
C GLY A 169 16.21 6.64 -7.52
N LYS A 170 15.10 6.33 -8.18
CA LYS A 170 13.78 6.44 -7.56
C LYS A 170 12.94 5.24 -8.00
N VAL A 171 11.86 5.01 -7.25
CA VAL A 171 10.95 3.90 -7.52
C VAL A 171 9.52 4.42 -7.38
N ASP A 172 8.64 3.92 -8.26
CA ASP A 172 7.25 4.29 -8.28
C ASP A 172 6.38 3.09 -7.93
N LYS A 173 5.29 3.34 -7.21
CA LYS A 173 4.38 2.29 -6.77
C LYS A 173 3.21 2.08 -7.71
N ASP A 174 2.94 3.04 -8.61
CA ASP A 174 1.82 2.90 -9.54
C ASP A 174 2.14 1.97 -10.70
N LEU A 175 3.41 1.93 -11.13
CA LEU A 175 3.77 1.06 -12.25
C LEU A 175 3.57 -0.41 -11.92
N ILE A 176 3.54 -0.78 -10.65
CA ILE A 176 3.37 -2.17 -10.24
C ILE A 176 1.88 -2.42 -10.06
N LYS A 177 1.31 -3.25 -10.92
CA LYS A 177 -0.10 -3.61 -10.85
C LYS A 177 -0.28 -4.97 -10.18
N ILE A 178 -1.46 -5.16 -9.60
CA ILE A 178 -1.80 -6.40 -8.89
C ILE A 178 -3.11 -6.92 -9.45
N GLU A 179 -3.23 -8.24 -9.51
CA GLU A 179 -4.42 -8.91 -10.01
C GLU A 179 -4.75 -10.08 -9.09
N LYS A 180 -6.01 -10.14 -8.65
CA LYS A 180 -6.48 -11.18 -7.75
C LYS A 180 -7.28 -12.21 -8.54
N LYS A 181 -7.03 -13.49 -8.26
CA LYS A 181 -7.74 -14.57 -8.95
C LYS A 181 -7.48 -15.90 -8.25
N SER A 182 -8.55 -16.53 -7.76
CA SER A 182 -8.39 -17.81 -7.07
C SER A 182 -7.82 -18.86 -8.02
N GLY A 183 -6.97 -19.72 -7.49
CA GLY A 183 -6.35 -20.76 -8.28
C GLY A 183 -5.97 -21.99 -7.48
N ALA A 184 -4.82 -22.57 -7.78
CA ALA A 184 -4.36 -23.77 -7.08
C ALA A 184 -3.99 -23.45 -5.64
N SER A 185 -3.00 -22.59 -5.45
CA SER A 185 -2.55 -22.22 -4.11
C SER A 185 -1.77 -20.90 -4.22
N ILE A 186 -1.07 -20.55 -3.14
CA ILE A 186 -0.32 -19.31 -3.13
C ILE A 186 1.05 -19.46 -3.79
N ASP A 187 1.56 -20.68 -3.92
CA ASP A 187 2.86 -20.90 -4.53
C ASP A 187 2.90 -20.56 -6.01
N ASP A 188 1.76 -20.25 -6.63
CA ASP A 188 1.71 -19.92 -8.04
C ASP A 188 2.25 -18.52 -8.35
N THR A 189 2.65 -17.76 -7.33
CA THR A 189 3.18 -16.42 -7.57
C THR A 189 4.45 -16.49 -8.39
N GLU A 190 4.47 -15.74 -9.50
CA GLU A 190 5.62 -15.69 -10.39
C GLU A 190 5.76 -14.29 -10.95
N LEU A 191 7.01 -13.88 -11.18
CA LEU A 191 7.28 -12.56 -11.73
C LEU A 191 7.04 -12.53 -13.23
N ILE A 192 6.51 -11.41 -13.72
CA ILE A 192 6.22 -11.22 -15.13
C ILE A 192 6.75 -9.86 -15.55
N LYS A 193 7.29 -9.79 -16.77
CA LYS A 193 7.83 -8.53 -17.27
C LYS A 193 6.74 -7.62 -17.82
N GLY A 194 5.77 -8.18 -18.53
CA GLY A 194 4.70 -7.42 -19.13
C GLY A 194 3.51 -7.27 -18.19
N VAL A 195 2.35 -6.99 -18.79
CA VAL A 195 1.11 -6.81 -18.05
C VAL A 195 0.10 -7.82 -18.55
N LEU A 196 -0.76 -8.27 -17.65
CA LEU A 196 -1.77 -9.27 -17.95
C LEU A 196 -3.12 -8.60 -18.20
N VAL A 197 -3.96 -9.27 -19.00
CA VAL A 197 -5.30 -8.81 -19.32
C VAL A 197 -6.22 -10.00 -19.08
N ASP A 198 -6.95 -9.98 -17.96
CA ASP A 198 -7.83 -11.08 -17.61
C ASP A 198 -8.99 -11.19 -18.59
N LYS A 199 -8.69 -11.64 -19.82
CA LYS A 199 -9.71 -11.80 -20.84
C LYS A 199 -9.33 -13.00 -21.71
N GLU A 200 -10.32 -13.52 -22.43
CA GLU A 200 -10.15 -14.67 -23.30
C GLU A 200 -10.55 -14.30 -24.73
N ARG A 201 -9.74 -14.74 -25.69
CA ARG A 201 -10.02 -14.47 -27.09
C ARG A 201 -11.32 -15.16 -27.51
N VAL A 202 -11.93 -14.64 -28.57
CA VAL A 202 -13.21 -15.15 -29.06
C VAL A 202 -12.97 -16.06 -30.26
N SER A 203 -11.76 -16.60 -30.37
CA SER A 203 -11.42 -17.50 -31.48
C SER A 203 -10.05 -18.08 -31.23
N ALA A 204 -9.96 -19.41 -31.25
CA ALA A 204 -8.70 -20.11 -31.03
C ALA A 204 -7.86 -20.21 -32.30
N GLN A 205 -8.21 -19.48 -33.35
CA GLN A 205 -7.47 -19.50 -34.61
C GLN A 205 -6.45 -18.37 -34.72
N MET A 206 -6.20 -17.65 -33.62
CA MET A 206 -5.25 -16.56 -33.65
C MET A 206 -3.82 -17.09 -33.57
N PRO A 207 -2.84 -16.29 -33.97
CA PRO A 207 -1.44 -16.73 -33.86
C PRO A 207 -1.06 -17.05 -32.43
N LYS A 208 -0.36 -18.17 -32.25
CA LYS A 208 0.07 -18.56 -30.91
C LYS A 208 1.14 -17.63 -30.38
N LYS A 209 2.08 -17.21 -31.24
CA LYS A 209 3.14 -16.30 -30.86
C LYS A 209 3.43 -15.37 -32.02
N VAL A 210 3.61 -14.09 -31.71
CA VAL A 210 3.90 -13.07 -32.73
C VAL A 210 4.96 -12.13 -32.17
N THR A 211 5.96 -11.82 -32.98
CA THR A 211 7.06 -10.94 -32.59
C THR A 211 6.85 -9.56 -33.21
N ASP A 212 7.15 -8.52 -32.42
CA ASP A 212 7.01 -7.13 -32.86
C ASP A 212 5.57 -6.85 -33.28
N ALA A 213 4.68 -6.89 -32.29
CA ALA A 213 3.26 -6.65 -32.51
C ALA A 213 2.94 -5.20 -32.19
N LYS A 214 2.38 -4.48 -33.16
CA LYS A 214 2.02 -3.08 -32.98
C LYS A 214 0.61 -3.00 -32.39
N ILE A 215 0.49 -2.34 -31.25
CA ILE A 215 -0.80 -2.21 -30.57
C ILE A 215 -1.62 -1.14 -31.26
N ALA A 216 -2.90 -1.42 -31.45
CA ALA A 216 -3.84 -0.50 -32.09
C ALA A 216 -4.91 -0.14 -31.05
N LEU A 217 -4.73 0.99 -30.37
CA LEU A 217 -5.67 1.41 -29.34
C LEU A 217 -6.98 1.83 -29.98
N LEU A 218 -8.06 1.14 -29.61
CA LEU A 218 -9.39 1.44 -30.11
C LEU A 218 -10.24 2.05 -29.02
N ASN A 219 -11.14 2.95 -29.40
CA ASN A 219 -12.02 3.62 -28.45
C ASN A 219 -13.39 3.84 -29.10
N CYS A 220 -13.93 2.79 -29.71
CA CYS A 220 -15.23 2.86 -30.37
C CYS A 220 -15.89 1.49 -30.28
N ALA A 221 -17.17 1.48 -29.90
CA ALA A 221 -17.90 0.23 -29.79
C ALA A 221 -18.04 -0.43 -31.15
N ILE A 222 -17.51 -1.64 -31.27
CA ILE A 222 -17.57 -2.39 -32.52
C ILE A 222 -18.97 -2.97 -32.68
N GLU A 223 -19.93 -2.11 -33.03
CA GLU A 223 -21.32 -2.52 -33.22
C GLU A 223 -21.90 -1.72 -34.37
N ILE A 224 -23.17 -2.02 -34.70
CA ILE A 224 -23.83 -1.30 -35.78
C ILE A 224 -23.97 0.18 -35.41
N LYS A 225 -23.73 1.04 -36.40
CA LYS A 225 -23.83 2.48 -36.19
C LYS A 225 -25.24 2.96 -36.49
N GLU A 226 -25.73 3.88 -35.67
CA GLU A 226 -27.05 4.45 -35.82
C GLU A 226 -26.99 5.96 -35.63
N THR A 227 -27.82 6.68 -36.38
CA THR A 227 -27.84 8.13 -36.28
C THR A 227 -28.27 8.56 -34.88
N GLU A 228 -27.67 9.66 -34.41
CA GLU A 228 -28.01 10.16 -33.08
C GLU A 228 -29.44 10.65 -33.01
N THR A 229 -29.98 11.16 -34.12
CA THR A 229 -31.34 11.66 -34.13
C THR A 229 -32.33 10.50 -34.05
N ASP A 230 -33.58 10.83 -33.75
CA ASP A 230 -34.65 9.84 -33.63
C ASP A 230 -35.17 9.54 -35.03
N ALA A 231 -34.62 8.49 -35.65
CA ALA A 231 -35.04 8.10 -37.00
C ALA A 231 -34.59 6.66 -37.21
N GLU A 232 -35.55 5.72 -37.11
CA GLU A 232 -35.27 4.31 -37.29
C GLU A 232 -35.30 3.94 -38.78
N ILE A 233 -34.93 2.70 -39.06
CA ILE A 233 -34.90 2.17 -40.43
C ILE A 233 -35.87 1.00 -40.48
N ARG A 234 -36.92 1.16 -41.28
CA ARG A 234 -37.92 0.11 -41.44
C ARG A 234 -37.57 -0.77 -42.63
N ILE A 235 -37.50 -2.07 -42.39
CA ILE A 235 -37.19 -3.06 -43.42
C ILE A 235 -38.48 -3.76 -43.82
N THR A 236 -38.62 -4.04 -45.12
CA THR A 236 -39.82 -4.70 -45.62
C THR A 236 -39.48 -5.63 -46.78
N ASP A 237 -38.87 -5.08 -47.83
CA ASP A 237 -38.55 -5.90 -49.00
C ASP A 237 -37.42 -6.87 -48.65
N PRO A 238 -37.47 -8.11 -49.16
CA PRO A 238 -36.38 -9.06 -48.88
C PRO A 238 -35.04 -8.64 -49.46
N ALA A 239 -34.99 -7.60 -50.29
CA ALA A 239 -33.74 -7.17 -50.92
C ALA A 239 -33.06 -6.03 -50.17
N LYS A 240 -33.83 -5.17 -49.49
CA LYS A 240 -33.25 -4.03 -48.79
C LYS A 240 -32.71 -4.39 -47.41
N LEU A 241 -32.76 -5.67 -47.03
CA LEU A 241 -32.26 -6.10 -45.73
C LEU A 241 -30.76 -6.40 -45.75
N MET A 242 -30.14 -6.47 -46.93
CA MET A 242 -28.72 -6.73 -47.08
C MET A 242 -27.99 -5.49 -47.59
N GLU A 243 -28.34 -4.33 -47.03
CA GLU A 243 -27.71 -3.07 -47.43
C GLU A 243 -27.42 -2.21 -46.21
N PHE A 244 -28.47 -1.79 -45.50
CA PHE A 244 -28.27 -0.98 -44.30
C PHE A 244 -27.43 -1.71 -43.26
N ILE A 245 -27.52 -3.04 -43.23
CA ILE A 245 -26.72 -3.83 -42.29
C ILE A 245 -25.40 -4.29 -42.89
N GLU A 246 -25.33 -4.42 -44.22
CA GLU A 246 -24.10 -4.87 -44.87
C GLU A 246 -23.13 -3.72 -45.14
N GLN A 247 -23.65 -2.56 -45.56
CA GLN A 247 -22.77 -1.42 -45.81
C GLN A 247 -22.01 -1.01 -44.56
N GLU A 248 -22.66 -1.10 -43.39
CA GLU A 248 -21.98 -0.78 -42.15
C GLU A 248 -20.84 -1.74 -41.86
N GLU A 249 -20.99 -3.00 -42.27
CA GLU A 249 -19.90 -3.96 -42.08
C GLU A 249 -18.75 -3.72 -43.03
N LYS A 250 -19.03 -3.23 -44.24
CA LYS A 250 -17.96 -2.92 -45.17
C LYS A 250 -17.05 -1.84 -44.64
N MET A 251 -17.59 -0.91 -43.84
CA MET A 251 -16.76 0.13 -43.24
C MET A 251 -15.70 -0.45 -42.32
N LEU A 252 -16.00 -1.59 -41.68
CA LEU A 252 -15.01 -2.24 -40.83
C LEU A 252 -13.80 -2.69 -41.63
N LYS A 253 -14.04 -3.32 -42.79
CA LYS A 253 -12.93 -3.73 -43.64
C LYS A 253 -12.12 -2.53 -44.10
N ASP A 254 -12.80 -1.44 -44.49
CA ASP A 254 -12.09 -0.23 -44.88
C ASP A 254 -11.32 0.35 -43.69
N MET A 255 -11.90 0.26 -42.49
CA MET A 255 -11.20 0.73 -41.30
C MET A 255 -10.02 -0.18 -40.96
N VAL A 256 -10.23 -1.50 -41.01
CA VAL A 256 -9.14 -2.42 -40.73
C VAL A 256 -8.06 -2.32 -41.80
N ALA A 257 -8.44 -1.92 -43.02
CA ALA A 257 -7.45 -1.75 -44.08
C ALA A 257 -6.43 -0.68 -43.72
N GLU A 258 -6.91 0.48 -43.24
CA GLU A 258 -6.00 1.54 -42.81
C GLU A 258 -5.20 1.12 -41.59
N ILE A 259 -5.81 0.35 -40.70
CA ILE A 259 -5.10 -0.13 -39.51
C ILE A 259 -4.12 -1.24 -39.88
N LYS A 260 -4.51 -2.10 -40.82
CA LYS A 260 -3.62 -3.18 -41.24
C LYS A 260 -2.46 -2.64 -42.06
N ALA A 261 -2.73 -1.69 -42.97
CA ALA A 261 -1.68 -1.11 -43.78
C ALA A 261 -0.63 -0.39 -42.94
N SER A 262 -1.01 0.08 -41.75
CA SER A 262 -0.08 0.78 -40.87
C SER A 262 0.82 -0.17 -40.08
N GLY A 263 0.73 -1.47 -40.32
CA GLY A 263 1.56 -2.42 -39.60
C GLY A 263 0.99 -2.88 -38.27
N ALA A 264 -0.34 -2.91 -38.14
CA ALA A 264 -0.96 -3.33 -36.90
C ALA A 264 -0.93 -4.85 -36.76
N ASN A 265 -1.12 -5.32 -35.53
CA ASN A 265 -1.11 -6.75 -35.24
C ASN A 265 -2.14 -7.18 -34.21
N VAL A 266 -2.51 -6.33 -33.24
CA VAL A 266 -3.49 -6.64 -32.23
C VAL A 266 -4.39 -5.43 -32.05
N LEU A 267 -5.35 -5.55 -31.13
CA LEU A 267 -6.29 -4.47 -30.86
C LEU A 267 -6.95 -4.72 -29.52
N PHE A 268 -7.40 -3.63 -28.89
CA PHE A 268 -8.07 -3.70 -27.59
C PHE A 268 -9.21 -2.70 -27.59
N CYS A 269 -10.45 -3.20 -27.50
CA CYS A 269 -11.64 -2.36 -27.50
C CYS A 269 -12.06 -2.06 -26.08
N GLN A 270 -12.43 -0.80 -25.82
CA GLN A 270 -12.84 -0.41 -24.48
C GLN A 270 -14.20 -0.98 -24.12
N LYS A 271 -15.08 -1.15 -25.10
CA LYS A 271 -16.44 -1.66 -24.90
C LYS A 271 -16.57 -3.04 -25.55
N GLY A 272 -17.77 -3.59 -25.48
CA GLY A 272 -18.04 -4.90 -26.04
C GLY A 272 -17.99 -4.91 -27.55
N ILE A 273 -18.27 -6.08 -28.12
CA ILE A 273 -18.27 -6.30 -29.56
C ILE A 273 -19.55 -7.03 -29.93
N ASP A 274 -20.08 -6.72 -31.11
CA ASP A 274 -21.30 -7.37 -31.58
C ASP A 274 -21.04 -8.86 -31.80
N ASP A 275 -22.10 -9.65 -31.64
CA ASP A 275 -21.97 -11.10 -31.80
C ASP A 275 -21.63 -11.46 -33.23
N LEU A 276 -22.18 -10.74 -34.20
CA LEU A 276 -21.91 -11.04 -35.61
C LEU A 276 -20.50 -10.60 -36.00
N ALA A 277 -19.97 -9.55 -35.36
CA ALA A 277 -18.63 -9.07 -35.70
C ALA A 277 -17.55 -10.07 -35.31
N GLN A 278 -17.83 -10.98 -34.38
CA GLN A 278 -16.85 -11.97 -33.96
C GLN A 278 -16.59 -13.03 -35.01
N HIS A 279 -17.43 -13.12 -36.05
CA HIS A 279 -17.25 -14.13 -37.08
C HIS A 279 -16.24 -13.69 -38.13
N TYR A 280 -16.27 -12.40 -38.50
CA TYR A 280 -15.35 -11.91 -39.53
C TYR A 280 -13.92 -11.85 -39.00
N LEU A 281 -13.74 -11.35 -37.78
CA LEU A 281 -12.40 -11.28 -37.19
C LEU A 281 -11.80 -12.64 -36.91
N ALA A 282 -12.60 -13.71 -36.95
CA ALA A 282 -12.09 -15.05 -36.70
C ALA A 282 -11.74 -15.76 -38.02
N LYS A 283 -12.64 -15.73 -39.00
CA LYS A 283 -12.36 -16.36 -40.28
C LYS A 283 -11.22 -15.67 -41.01
N GLU A 284 -11.11 -14.34 -40.87
CA GLU A 284 -10.05 -13.60 -41.52
C GLU A 284 -8.75 -13.56 -40.73
N GLY A 285 -8.82 -13.79 -39.42
CA GLY A 285 -7.62 -13.79 -38.60
C GLY A 285 -7.26 -12.40 -38.10
N ILE A 286 -8.00 -11.91 -37.10
CA ILE A 286 -7.78 -10.59 -36.53
C ILE A 286 -7.86 -10.73 -35.01
N VAL A 287 -6.81 -10.29 -34.32
CA VAL A 287 -6.74 -10.35 -32.87
C VAL A 287 -7.37 -9.08 -32.30
N ALA A 288 -8.29 -9.26 -31.35
CA ALA A 288 -8.96 -8.12 -30.73
C ALA A 288 -9.72 -8.61 -29.51
N ALA A 289 -9.63 -7.85 -28.42
CA ALA A 289 -10.32 -8.15 -27.18
C ALA A 289 -11.58 -7.30 -27.07
N ARG A 290 -12.37 -7.59 -26.04
CA ARG A 290 -13.63 -6.90 -25.79
C ARG A 290 -13.67 -6.40 -24.35
N ARG A 291 -14.25 -5.23 -24.16
CA ARG A 291 -14.41 -4.65 -22.83
C ARG A 291 -13.07 -4.51 -22.12
N VAL A 292 -12.46 -3.34 -22.21
CA VAL A 292 -11.20 -3.03 -21.53
C VAL A 292 -11.44 -1.76 -20.73
N LYS A 293 -11.57 -1.91 -19.40
CA LYS A 293 -11.87 -0.78 -18.55
C LYS A 293 -10.80 0.30 -18.68
N LYS A 294 -11.16 1.52 -18.23
CA LYS A 294 -10.23 2.63 -18.32
C LYS A 294 -8.98 2.39 -17.50
N SER A 295 -9.09 1.63 -16.40
CA SER A 295 -7.94 1.36 -15.56
C SER A 295 -6.85 0.59 -16.31
N ASP A 296 -7.23 -0.13 -17.37
CA ASP A 296 -6.28 -0.90 -18.17
C ASP A 296 -5.80 -0.16 -19.41
N MET A 297 -6.69 0.64 -20.03
CA MET A 297 -6.29 1.37 -21.23
C MET A 297 -5.14 2.34 -20.93
N GLU A 298 -5.04 2.81 -19.69
CA GLU A 298 -3.98 3.75 -19.34
C GLU A 298 -2.63 3.05 -19.27
N LYS A 299 -2.53 2.01 -18.43
CA LYS A 299 -1.26 1.33 -18.27
C LYS A 299 -0.81 0.66 -19.57
N LEU A 300 -1.75 0.18 -20.38
CA LEU A 300 -1.39 -0.46 -21.64
C LEU A 300 -0.98 0.53 -22.71
N ALA A 301 -1.31 1.82 -22.55
CA ALA A 301 -0.96 2.83 -23.54
C ALA A 301 0.42 3.41 -23.27
N LYS A 302 0.63 3.95 -22.07
CA LYS A 302 1.93 4.56 -21.75
C LYS A 302 3.05 3.52 -21.71
N ALA A 303 2.74 2.29 -21.29
CA ALA A 303 3.77 1.26 -21.23
C ALA A 303 4.24 0.87 -22.63
N THR A 304 3.31 0.52 -23.52
CA THR A 304 3.65 0.13 -24.88
C THR A 304 3.92 1.32 -25.79
N GLY A 305 3.81 2.55 -25.27
CA GLY A 305 4.06 3.74 -26.07
C GLY A 305 2.86 4.25 -26.83
N ALA A 306 1.75 3.52 -26.84
CA ALA A 306 0.57 3.97 -27.57
C ALA A 306 -0.03 5.18 -26.88
N ASN A 307 -0.76 5.97 -27.67
CA ASN A 307 -1.42 7.18 -27.19
C ASN A 307 -2.92 7.05 -27.37
N VAL A 308 -3.67 7.81 -26.57
CA VAL A 308 -5.12 7.80 -26.65
C VAL A 308 -5.56 8.40 -27.98
N ILE A 309 -6.46 7.71 -28.68
CA ILE A 309 -6.97 8.15 -29.97
C ILE A 309 -8.49 8.14 -29.92
N THR A 310 -9.11 9.26 -30.32
CA THR A 310 -10.56 9.38 -30.35
C THR A 310 -11.14 9.11 -31.73
N ASN A 311 -10.45 9.52 -32.79
CA ASN A 311 -10.90 9.30 -34.16
C ASN A 311 -10.14 8.12 -34.74
N ILE A 312 -10.87 7.07 -35.12
CA ILE A 312 -10.26 5.84 -35.62
C ILE A 312 -10.00 5.88 -37.13
N LYS A 313 -10.54 6.87 -37.84
CA LYS A 313 -10.37 6.94 -39.28
C LYS A 313 -9.08 7.67 -39.65
N ASP A 314 -8.04 7.53 -38.81
CA ASP A 314 -6.76 8.15 -39.10
C ASP A 314 -5.68 7.61 -38.17
N LEU A 315 -5.79 6.33 -37.81
CA LEU A 315 -4.82 5.71 -36.93
C LEU A 315 -3.51 5.46 -37.66
N SER A 316 -2.63 6.47 -37.67
CA SER A 316 -1.35 6.35 -38.35
C SER A 316 -0.44 5.40 -37.58
N ALA A 317 0.76 5.17 -38.14
CA ALA A 317 1.72 4.28 -37.49
C ALA A 317 2.36 4.94 -36.28
N GLN A 318 2.55 6.26 -36.32
CA GLN A 318 3.16 6.96 -35.18
C GLN A 318 2.30 6.86 -33.93
N ASP A 319 1.00 6.65 -34.07
CA ASP A 319 0.10 6.55 -32.92
C ASP A 319 0.04 5.14 -32.35
N LEU A 320 0.43 4.12 -33.10
CA LEU A 320 0.39 2.76 -32.61
C LEU A 320 1.41 2.57 -31.49
N GLY A 321 1.23 1.48 -30.74
CA GLY A 321 2.11 1.13 -29.65
C GLY A 321 3.31 0.32 -30.10
N ASP A 322 3.79 -0.54 -29.21
CA ASP A 322 4.94 -1.39 -29.50
C ASP A 322 5.07 -2.43 -28.41
N ALA A 323 5.38 -3.66 -28.81
CA ALA A 323 5.53 -4.76 -27.86
C ALA A 323 6.52 -5.76 -28.45
N GLY A 324 6.85 -6.76 -27.64
CA GLY A 324 7.79 -7.79 -28.04
C GLY A 324 7.13 -9.12 -28.35
N LEU A 325 6.17 -9.52 -27.52
CA LEU A 325 5.48 -10.78 -27.69
C LEU A 325 4.04 -10.64 -27.20
N VAL A 326 3.13 -11.35 -27.86
CA VAL A 326 1.72 -11.32 -27.50
C VAL A 326 1.17 -12.75 -27.50
N GLU A 327 1.47 -13.49 -26.44
CA GLU A 327 1.04 -14.87 -26.29
C GLU A 327 -0.15 -14.94 -25.36
N GLU A 328 -0.98 -15.97 -25.55
CA GLU A 328 -2.18 -16.19 -24.74
C GLU A 328 -2.30 -17.68 -24.47
N ARG A 329 -1.87 -18.11 -23.28
CA ARG A 329 -1.94 -19.50 -22.87
C ARG A 329 -3.09 -19.68 -21.88
N LYS A 330 -3.38 -20.94 -21.58
CA LYS A 330 -4.45 -21.32 -20.66
C LYS A 330 -3.85 -22.01 -19.44
N ILE A 331 -4.28 -21.59 -18.25
CA ILE A 331 -3.82 -22.17 -17.00
C ILE A 331 -4.99 -22.15 -16.00
N SER A 332 -5.13 -23.23 -15.25
CA SER A 332 -6.20 -23.36 -14.26
C SER A 332 -7.57 -23.13 -14.91
N GLY A 333 -7.72 -23.62 -16.14
CA GLY A 333 -8.97 -23.47 -16.86
C GLY A 333 -9.01 -22.24 -17.72
N ASP A 334 -9.23 -21.08 -17.10
CA ASP A 334 -9.30 -19.84 -17.85
C ASP A 334 -7.95 -19.50 -18.48
N SER A 335 -7.96 -18.50 -19.36
CA SER A 335 -6.77 -18.05 -20.05
C SER A 335 -6.60 -16.54 -19.85
N MET A 336 -5.40 -16.06 -20.15
CA MET A 336 -5.06 -14.66 -19.99
C MET A 336 -4.13 -14.24 -21.12
N ILE A 337 -4.22 -12.98 -21.51
CA ILE A 337 -3.41 -12.40 -22.58
C ILE A 337 -2.15 -11.79 -21.97
N PHE A 338 -1.03 -11.92 -22.67
CA PHE A 338 0.24 -11.39 -22.24
C PHE A 338 0.69 -10.28 -23.19
N VAL A 339 1.21 -9.20 -22.63
CA VAL A 339 1.69 -8.06 -23.40
C VAL A 339 3.05 -7.62 -22.87
N GLU A 340 4.11 -8.31 -23.30
CA GLU A 340 5.46 -8.02 -22.86
C GLU A 340 6.19 -7.16 -23.89
N GLU A 341 7.26 -6.51 -23.43
CA GLU A 341 8.08 -5.65 -24.28
C GLU A 341 9.52 -5.76 -23.77
N CYS A 342 10.28 -6.70 -24.35
CA CYS A 342 11.65 -6.92 -23.93
C CYS A 342 12.57 -5.77 -24.33
N LYS A 343 12.17 -4.94 -25.30
CA LYS A 343 13.02 -3.84 -25.73
C LYS A 343 13.20 -2.81 -24.63
N HIS A 344 12.19 -2.60 -23.78
CA HIS A 344 12.27 -1.64 -22.70
C HIS A 344 11.10 -1.84 -21.74
N PRO A 345 11.15 -2.84 -20.86
CA PRO A 345 10.05 -3.05 -19.92
C PRO A 345 9.94 -1.94 -18.88
N LYS A 346 9.09 -0.95 -19.15
CA LYS A 346 8.90 0.17 -18.24
C LYS A 346 7.89 -0.12 -17.14
N ALA A 347 7.32 -1.32 -17.10
CA ALA A 347 6.33 -1.67 -16.09
C ALA A 347 6.43 -3.16 -15.81
N VAL A 348 5.84 -3.57 -14.68
CA VAL A 348 5.84 -4.96 -14.26
C VAL A 348 4.48 -5.29 -13.65
N THR A 349 4.19 -6.58 -13.55
CA THR A 349 2.93 -7.06 -12.99
C THR A 349 3.19 -8.36 -12.25
N MET A 350 2.67 -8.47 -11.04
CA MET A 350 2.83 -9.65 -10.20
C MET A 350 1.46 -10.26 -9.93
N LEU A 351 1.24 -11.48 -10.43
CA LEU A 351 -0.03 -12.17 -10.23
C LEU A 351 0.02 -12.98 -8.93
N ILE A 352 -1.10 -13.00 -8.22
CA ILE A 352 -1.24 -13.72 -6.97
C ILE A 352 -2.46 -14.62 -7.05
N ARG A 353 -2.32 -15.84 -6.55
CA ARG A 353 -3.40 -16.83 -6.55
C ARG A 353 -3.63 -17.34 -5.14
N GLY A 354 -4.79 -17.96 -4.94
CA GLY A 354 -5.14 -18.49 -3.63
C GLY A 354 -6.27 -19.49 -3.74
N THR A 355 -6.57 -20.11 -2.61
CA THR A 355 -7.63 -21.11 -2.53
C THR A 355 -8.97 -20.49 -2.15
N THR A 356 -8.97 -19.48 -1.28
CA THR A 356 -10.18 -18.82 -0.84
C THR A 356 -10.08 -17.33 -1.12
N GLU A 357 -11.23 -16.69 -1.32
CA GLU A 357 -11.25 -15.26 -1.63
C GLU A 357 -10.64 -14.44 -0.51
N HIS A 358 -10.72 -14.92 0.73
CA HIS A 358 -10.17 -14.17 1.85
C HIS A 358 -8.65 -14.19 1.84
N VAL A 359 -8.03 -15.24 1.30
CA VAL A 359 -6.58 -15.33 1.28
C VAL A 359 -6.00 -14.37 0.24
N ILE A 360 -6.57 -14.38 -0.97
CA ILE A 360 -6.07 -13.50 -2.03
C ILE A 360 -6.26 -12.03 -1.67
N GLU A 361 -7.21 -11.71 -0.79
CA GLU A 361 -7.45 -10.33 -0.41
C GLU A 361 -6.43 -9.84 0.60
N GLU A 362 -6.15 -10.65 1.62
CA GLU A 362 -5.18 -10.25 2.65
C GLU A 362 -3.78 -10.12 2.05
N VAL A 363 -3.37 -11.08 1.24
CA VAL A 363 -2.04 -11.02 0.64
C VAL A 363 -1.94 -9.87 -0.35
N ALA A 364 -3.07 -9.47 -0.95
CA ALA A 364 -3.05 -8.36 -1.89
C ALA A 364 -2.80 -7.02 -1.20
N ARG A 365 -3.12 -6.90 0.09
CA ARG A 365 -2.88 -5.67 0.81
C ARG A 365 -1.45 -5.54 1.32
N ALA A 366 -0.70 -6.63 1.36
CA ALA A 366 0.67 -6.59 1.84
C ALA A 366 1.67 -6.35 0.73
N VAL A 367 1.34 -6.69 -0.51
CA VAL A 367 2.27 -6.48 -1.61
C VAL A 367 2.43 -5.00 -1.93
N ASP A 368 1.39 -4.20 -1.66
CA ASP A 368 1.49 -2.76 -1.94
C ASP A 368 2.28 -2.03 -0.85
N ASP A 369 2.30 -2.57 0.37
CA ASP A 369 3.09 -1.97 1.43
C ASP A 369 4.54 -2.46 1.42
N ALA A 370 4.78 -3.70 0.99
CA ALA A 370 6.14 -4.21 0.95
C ALA A 370 6.99 -3.47 -0.05
N VAL A 371 6.39 -3.01 -1.16
CA VAL A 371 7.15 -2.28 -2.17
C VAL A 371 7.44 -0.85 -1.73
N GLY A 372 6.68 -0.34 -0.76
CA GLY A 372 6.89 1.02 -0.29
C GLY A 372 7.92 1.11 0.82
N VAL A 373 7.88 0.15 1.75
CA VAL A 373 8.84 0.15 2.85
C VAL A 373 10.25 -0.09 2.34
N VAL A 374 10.40 -0.84 1.26
CA VAL A 374 11.73 -1.09 0.71
C VAL A 374 12.13 -0.01 -0.28
N GLY A 375 11.17 0.69 -0.88
CA GLY A 375 11.51 1.72 -1.84
C GLY A 375 12.25 2.88 -1.20
N CYS A 376 11.85 3.27 0.01
CA CYS A 376 12.52 4.38 0.69
C CYS A 376 13.95 4.03 1.06
N THR A 377 14.24 2.75 1.32
CA THR A 377 15.60 2.36 1.67
C THR A 377 16.52 2.41 0.46
N ILE A 378 16.02 1.99 -0.71
CA ILE A 378 16.84 2.02 -1.91
C ILE A 378 17.19 3.45 -2.30
N GLU A 379 16.29 4.40 -2.02
CA GLU A 379 16.56 5.80 -2.34
C GLU A 379 17.47 6.46 -1.31
N ASP A 380 17.28 6.13 -0.03
CA ASP A 380 18.08 6.70 1.04
C ASP A 380 19.29 5.85 1.37
N GLY A 381 19.08 4.55 1.57
CA GLY A 381 20.18 3.66 1.91
C GLY A 381 20.54 3.65 3.38
N ARG A 382 19.55 3.77 4.26
CA ARG A 382 19.76 3.79 5.69
C ARG A 382 18.64 3.02 6.38
N ILE A 383 19.02 2.15 7.32
CA ILE A 383 18.07 1.33 8.06
C ILE A 383 18.51 1.24 9.51
N VAL A 384 17.55 1.00 10.40
CA VAL A 384 17.80 0.88 11.82
C VAL A 384 17.11 -0.38 12.34
N SER A 385 17.80 -1.11 13.20
CA SER A 385 17.24 -2.34 13.76
C SER A 385 16.01 -2.02 14.60
N GLY A 386 14.86 -2.57 14.20
CA GLY A 386 13.63 -2.34 14.91
C GLY A 386 13.36 -3.37 15.98
N GLY A 387 12.19 -4.00 15.93
CA GLY A 387 11.85 -5.01 16.92
C GLY A 387 11.70 -4.47 18.32
N GLY A 388 11.13 -3.27 18.47
CA GLY A 388 10.96 -2.68 19.78
C GLY A 388 12.27 -2.34 20.48
N SER A 389 13.34 -2.11 19.71
CA SER A 389 14.64 -1.79 20.27
C SER A 389 15.06 -0.35 20.04
N THR A 390 14.45 0.35 19.09
CA THR A 390 14.82 1.74 18.83
C THR A 390 14.35 2.66 19.96
N GLU A 391 13.14 2.42 20.49
CA GLU A 391 12.63 3.26 21.57
C GLU A 391 13.33 2.97 22.89
N VAL A 392 13.84 1.75 23.06
CA VAL A 392 14.54 1.41 24.29
C VAL A 392 15.86 2.18 24.40
N GLU A 393 16.53 2.39 23.27
CA GLU A 393 17.79 3.13 23.29
C GLU A 393 17.57 4.61 23.60
N LEU A 394 16.44 5.17 23.17
CA LEU A 394 16.17 6.57 23.45
C LEU A 394 15.82 6.80 24.92
N SER A 395 15.24 5.81 25.58
CA SER A 395 14.88 5.94 26.98
C SER A 395 16.08 5.87 27.91
N MET A 396 17.29 5.66 27.39
CA MET A 396 18.49 5.59 28.19
C MET A 396 19.38 6.82 28.06
N LYS A 397 19.47 7.38 26.86
CA LYS A 397 20.29 8.57 26.63
C LYS A 397 19.53 9.87 26.88
N LEU A 398 18.25 9.91 26.55
CA LEU A 398 17.47 11.12 26.77
C LEU A 398 17.36 11.47 28.25
N ARG A 399 17.45 10.47 29.13
CA ARG A 399 17.38 10.74 30.56
C ARG A 399 18.57 11.59 31.00
N GLU A 400 19.74 11.36 30.41
CA GLU A 400 20.92 12.16 30.78
C GLU A 400 20.78 13.60 30.30
N TYR A 401 20.14 13.83 29.15
CA TYR A 401 19.97 15.18 28.65
C TYR A 401 19.00 15.99 29.49
N ALA A 402 18.08 15.34 30.19
CA ALA A 402 17.12 16.07 31.02
C ALA A 402 17.82 16.81 32.15
N GLU A 403 18.97 16.30 32.61
CA GLU A 403 19.69 16.96 33.69
C GLU A 403 20.19 18.35 33.26
N GLY A 404 20.45 18.54 31.98
CA GLY A 404 20.92 19.84 31.51
C GLY A 404 19.87 20.92 31.67
N ILE A 405 18.63 20.62 31.27
CA ILE A 405 17.56 21.59 31.38
C ILE A 405 17.13 21.71 32.84
N SER A 406 17.06 22.95 33.33
CA SER A 406 16.67 23.24 34.70
C SER A 406 15.28 23.88 34.72
N GLY A 407 14.78 24.08 35.93
CA GLY A 407 13.47 24.68 36.11
C GLY A 407 12.35 23.65 36.10
N ARG A 408 11.15 24.14 35.78
CA ARG A 408 9.96 23.31 35.71
C ARG A 408 9.77 22.65 34.35
N GLU A 409 10.79 22.70 33.49
CA GLU A 409 10.69 22.11 32.16
C GLU A 409 11.19 20.67 32.11
N GLN A 410 12.08 20.28 33.01
CA GLN A 410 12.61 18.92 33.00
C GLN A 410 11.55 17.89 33.32
N LEU A 411 10.46 18.29 33.99
CA LEU A 411 9.39 17.33 34.29
C LEU A 411 8.73 16.84 33.01
N ALA A 412 8.46 17.74 32.06
CA ALA A 412 7.84 17.34 30.81
C ALA A 412 8.81 16.56 29.92
N VAL A 413 10.10 16.88 30.00
CA VAL A 413 11.09 16.17 29.19
C VAL A 413 11.17 14.71 29.62
N ARG A 414 11.23 14.45 30.93
CA ARG A 414 11.29 13.08 31.41
C ARG A 414 9.99 12.34 31.15
N ALA A 415 8.86 13.04 31.20
CA ALA A 415 7.58 12.38 30.95
C ALA A 415 7.52 11.76 29.56
N PHE A 416 8.15 12.41 28.57
CA PHE A 416 8.17 11.86 27.22
C PHE A 416 9.13 10.69 27.07
N ALA A 417 10.13 10.57 27.94
CA ALA A 417 11.09 9.49 27.85
C ALA A 417 10.51 8.19 28.42
N ASP A 418 9.88 8.27 29.61
CA ASP A 418 9.31 7.09 30.24
C ASP A 418 8.01 6.64 29.58
N ALA A 419 7.51 7.37 28.58
CA ALA A 419 6.29 7.01 27.88
C ALA A 419 6.54 6.19 26.63
N LEU A 420 7.81 6.00 26.24
CA LEU A 420 8.14 5.23 25.05
C LEU A 420 8.32 3.74 25.32
N GLU A 421 8.42 3.35 26.59
CA GLU A 421 8.60 1.95 26.96
C GLU A 421 7.29 1.16 26.91
N VAL A 422 6.20 1.78 26.48
CA VAL A 422 4.91 1.08 26.41
C VAL A 422 4.83 0.18 25.19
N ILE A 423 5.56 0.50 24.11
CA ILE A 423 5.51 -0.34 22.91
C ILE A 423 5.98 -1.76 23.20
N PRO A 424 7.18 -1.99 23.75
CA PRO A 424 7.59 -3.37 24.06
C PRO A 424 6.75 -4.01 25.15
N ARG A 425 6.05 -3.22 25.98
CA ARG A 425 5.20 -3.80 27.01
C ARG A 425 4.03 -4.55 26.40
N THR A 426 3.41 -3.99 25.36
CA THR A 426 2.28 -4.66 24.71
C THR A 426 2.72 -5.97 24.07
N LEU A 427 3.92 -6.00 23.49
CA LEU A 427 4.42 -7.23 22.88
C LEU A 427 4.66 -8.31 23.92
N ALA A 428 4.94 -7.91 25.17
CA ALA A 428 5.18 -8.89 26.23
C ALA A 428 3.89 -9.59 26.63
N GLU A 429 2.84 -8.81 26.93
CA GLU A 429 1.57 -9.41 27.31
C GLU A 429 0.97 -10.23 26.18
N ASN A 430 1.27 -9.87 24.93
CA ASN A 430 0.74 -10.63 23.80
C ASN A 430 1.34 -12.03 23.73
N ALA A 431 2.60 -12.18 24.15
CA ALA A 431 3.25 -13.48 24.13
C ALA A 431 2.96 -14.32 25.37
N GLY A 432 2.35 -13.73 26.40
CA GLY A 432 2.04 -14.47 27.61
C GLY A 432 3.15 -14.47 28.64
N LEU A 433 3.98 -13.43 28.66
CA LEU A 433 5.09 -13.34 29.61
C LEU A 433 4.98 -12.03 30.38
N ASP A 434 5.52 -12.02 31.60
CA ASP A 434 5.49 -10.83 32.43
C ASP A 434 6.32 -9.72 31.79
N ALA A 435 5.90 -8.48 32.02
CA ALA A 435 6.54 -7.31 31.44
C ALA A 435 7.46 -6.59 32.42
N ILE A 436 6.98 -6.33 33.64
CA ILE A 436 7.78 -5.58 34.60
C ILE A 436 9.09 -6.29 34.90
N GLU A 437 9.12 -7.62 34.78
CA GLU A 437 10.33 -8.38 35.09
C GLU A 437 11.31 -8.37 33.94
N ILE A 438 10.84 -8.63 32.73
CA ILE A 438 11.74 -8.68 31.58
C ILE A 438 12.35 -7.31 31.29
N LEU A 439 11.64 -6.23 31.64
CA LEU A 439 12.17 -4.89 31.41
C LEU A 439 13.43 -4.63 32.22
N VAL A 440 13.70 -5.43 33.25
CA VAL A 440 14.91 -5.23 34.03
C VAL A 440 16.12 -5.85 33.33
N LYS A 441 15.90 -6.88 32.53
CA LYS A 441 17.00 -7.54 31.82
C LYS A 441 17.35 -6.86 30.51
N VAL A 442 16.36 -6.29 29.81
CA VAL A 442 16.63 -5.62 28.54
C VAL A 442 17.56 -4.45 28.74
N ARG A 443 17.47 -3.76 29.89
CA ARG A 443 18.35 -2.63 30.16
C ARG A 443 19.78 -3.07 30.39
N ALA A 444 20.01 -4.32 30.79
CA ALA A 444 21.37 -4.79 31.03
C ALA A 444 22.17 -4.80 29.74
N ALA A 445 21.53 -5.15 28.62
CA ALA A 445 22.24 -5.17 27.34
C ALA A 445 22.68 -3.77 26.93
N HIS A 446 21.90 -2.74 27.26
CA HIS A 446 22.23 -1.35 26.93
C HIS A 446 22.81 -0.62 28.13
N ALA A 447 23.68 -1.28 28.89
CA ALA A 447 24.29 -0.64 30.06
C ALA A 447 25.19 0.51 29.65
N SER A 448 26.22 0.23 28.86
CA SER A 448 27.15 1.26 28.42
C SER A 448 27.73 0.91 27.05
N ASN A 449 28.74 0.03 27.04
CA ASN A 449 29.40 -0.39 25.81
C ASN A 449 28.79 -1.65 25.23
N GLY A 450 27.51 -1.91 25.51
CA GLY A 450 26.84 -3.08 24.99
C GLY A 450 26.32 -2.88 23.59
N ASN A 451 25.84 -3.98 23.00
CA ASN A 451 25.30 -3.94 21.65
C ASN A 451 24.04 -3.08 21.61
N LYS A 452 23.73 -2.58 20.41
CA LYS A 452 22.56 -1.73 20.18
C LYS A 452 21.50 -2.43 19.32
N CYS A 453 21.51 -3.76 19.29
CA CYS A 453 20.56 -4.53 18.50
C CYS A 453 19.83 -5.57 19.35
N ALA A 454 19.79 -5.38 20.66
CA ALA A 454 19.10 -6.32 21.54
C ALA A 454 17.61 -6.00 21.58
N GLY A 455 16.78 -7.03 21.42
CA GLY A 455 15.35 -6.86 21.43
C GLY A 455 14.66 -8.14 21.86
N LEU A 456 13.35 -8.02 22.08
CA LEU A 456 12.55 -9.16 22.50
C LEU A 456 12.10 -9.96 21.29
N ASN A 457 12.09 -11.29 21.46
CA ASN A 457 11.69 -12.22 20.40
C ASN A 457 10.43 -12.95 20.86
N VAL A 458 9.32 -12.71 20.17
CA VAL A 458 8.06 -13.34 20.55
C VAL A 458 8.11 -14.85 20.33
N PHE A 459 8.99 -15.31 19.44
CA PHE A 459 9.09 -16.74 19.15
C PHE A 459 9.81 -17.47 20.29
N THR A 460 11.10 -17.18 20.47
CA THR A 460 11.87 -17.86 21.51
C THR A 460 11.49 -17.33 22.89
N GLY A 461 11.32 -16.02 23.02
CA GLY A 461 10.99 -15.42 24.29
C GLY A 461 12.16 -14.96 25.12
N ALA A 462 13.33 -14.78 24.51
CA ALA A 462 14.53 -14.34 25.21
C ALA A 462 15.25 -13.29 24.39
N VAL A 463 16.04 -12.47 25.07
CA VAL A 463 16.79 -11.41 24.40
C VAL A 463 17.84 -12.03 23.49
N GLU A 464 17.88 -11.56 22.25
CA GLU A 464 18.84 -12.05 21.27
C GLU A 464 19.27 -10.87 20.40
N ASP A 465 20.06 -11.16 19.37
CA ASP A 465 20.54 -10.13 18.44
C ASP A 465 19.53 -9.98 17.32
N MET A 466 18.81 -8.85 17.33
CA MET A 466 17.80 -8.60 16.31
C MET A 466 18.40 -8.35 14.94
N CYS A 467 19.70 -8.09 14.84
CA CYS A 467 20.31 -7.82 13.55
C CYS A 467 20.54 -9.10 12.76
N GLU A 468 20.97 -10.17 13.44
CA GLU A 468 21.23 -11.43 12.74
C GLU A 468 19.94 -12.17 12.41
N ASN A 469 18.90 -12.02 13.23
CA ASN A 469 17.64 -12.72 12.98
C ASN A 469 16.99 -12.22 11.70
N GLY A 470 16.92 -10.90 11.53
CA GLY A 470 16.33 -10.30 10.35
C GLY A 470 15.25 -9.28 10.67
N VAL A 471 15.34 -8.68 11.84
CA VAL A 471 14.38 -7.67 12.30
C VAL A 471 15.02 -6.30 12.09
N VAL A 472 14.57 -5.58 11.08
CA VAL A 472 15.10 -4.26 10.77
C VAL A 472 14.04 -3.48 10.01
N GLU A 473 14.03 -2.17 10.19
CA GLU A 473 13.09 -1.28 9.52
C GLU A 473 13.81 0.00 9.14
N PRO A 474 13.26 0.77 8.20
CA PRO A 474 13.91 2.03 7.81
C PRO A 474 13.97 3.03 8.95
N LEU A 475 14.49 4.22 8.68
CA LEU A 475 14.56 5.29 9.67
C LEU A 475 13.42 6.29 9.55
N ARG A 476 12.56 6.15 8.55
CA ARG A 476 11.45 7.07 8.36
C ARG A 476 10.19 6.65 9.10
N VAL A 477 10.04 5.35 9.41
CA VAL A 477 8.85 4.89 10.11
C VAL A 477 8.87 5.33 11.56
N LYS A 478 10.07 5.59 12.12
CA LYS A 478 10.19 5.98 13.51
C LYS A 478 10.14 7.50 13.68
N THR A 479 10.99 8.22 12.95
CA THR A 479 10.99 9.69 13.08
C THR A 479 9.65 10.28 12.66
N GLN A 480 8.96 9.66 11.71
CA GLN A 480 7.67 10.17 11.28
C GLN A 480 6.58 9.88 12.30
N ALA A 481 6.60 8.68 12.89
CA ALA A 481 5.61 8.34 13.90
C ALA A 481 5.78 9.18 15.16
N ILE A 482 7.02 9.34 15.62
CA ILE A 482 7.28 10.15 16.80
C ILE A 482 6.95 11.62 16.52
N GLN A 483 7.32 12.11 15.34
CA GLN A 483 7.01 13.49 14.99
C GLN A 483 5.50 13.71 14.86
N SER A 484 4.79 12.72 14.33
CA SER A 484 3.34 12.85 14.21
C SER A 484 2.65 12.83 15.57
N ALA A 485 3.20 12.07 16.52
CA ALA A 485 2.61 12.01 17.85
C ALA A 485 2.70 13.37 18.55
N ALA A 486 3.87 14.01 18.47
CA ALA A 486 4.03 15.32 19.09
C ALA A 486 3.19 16.37 18.37
N GLU A 487 3.08 16.27 17.04
CA GLU A 487 2.27 17.22 16.29
C GLU A 487 0.78 17.07 16.58
N SER A 488 0.35 15.88 17.00
CA SER A 488 -1.06 15.65 17.31
C SER A 488 -1.38 15.86 18.78
N THR A 489 -0.39 15.73 19.67
CA THR A 489 -0.64 15.93 21.09
C THR A 489 -1.02 17.37 21.40
N GLU A 490 -0.44 18.33 20.69
CA GLU A 490 -0.76 19.74 20.92
C GLU A 490 -2.22 20.05 20.60
N MET A 491 -2.86 19.25 19.75
CA MET A 491 -4.26 19.48 19.43
C MET A 491 -5.17 19.28 20.63
N LEU A 492 -4.72 18.57 21.66
CA LEU A 492 -5.51 18.34 22.86
C LEU A 492 -5.12 19.24 24.01
N LEU A 493 -3.89 19.75 24.04
CA LEU A 493 -3.44 20.61 25.13
C LEU A 493 -3.61 22.09 24.84
N ARG A 494 -3.67 22.48 23.57
CA ARG A 494 -3.81 23.88 23.20
C ARG A 494 -5.27 24.31 23.10
N ILE A 495 -6.15 23.41 22.66
CA ILE A 495 -7.56 23.75 22.54
C ILE A 495 -8.14 24.07 23.92
N ASP A 496 -9.15 24.94 23.93
CA ASP A 496 -9.79 25.32 25.18
C ASP A 496 -11.15 25.98 24.90
N ASP A 497 -11.18 26.91 23.96
CA ASP A 497 -12.42 27.60 23.61
C ASP A 497 -13.33 26.64 22.87
N VAL A 498 -14.45 26.26 23.51
CA VAL A 498 -15.41 25.34 22.92
C VAL A 498 -16.81 25.92 23.09
N ILE A 499 -17.12 26.97 22.33
CA ILE A 499 -18.42 27.62 22.40
C ILE A 499 -19.39 26.88 21.48
N ALA A 500 -20.63 26.73 21.94
CA ALA A 500 -21.67 26.04 21.17
C ALA A 500 -22.20 27.00 20.11
N ALA A 501 -21.57 26.97 18.94
CA ALA A 501 -21.96 27.84 17.84
C ALA A 501 -23.16 27.24 17.11
N GLU A 502 -23.65 27.99 16.12
CA GLU A 502 -24.80 27.55 15.32
C GLU A 502 -24.65 28.13 13.91
N LYS A 503 -24.63 27.25 12.91
CA LYS A 503 -24.48 27.65 11.52
C LYS A 503 -23.19 28.44 11.32
N LEU A 504 -22.08 27.71 11.42
CA LEU A 504 -20.76 28.30 11.27
C LEU A 504 -20.19 28.16 9.87
N ARG A 505 -20.73 27.27 9.06
CA ARG A 505 -20.24 27.07 7.70
C ARG A 505 -18.77 26.68 7.70
#